data_1XWI
#
_entry.id   1XWI
#
_cell.length_a   88.058
_cell.length_b   88.058
_cell.length_c   112.574
_cell.angle_alpha   90.00
_cell.angle_beta   90.00
_cell.angle_gamma   120.00
#
_symmetry.space_group_name_H-M   'P 65'
#
loop_
_entity.id
_entity.type
_entity.pdbx_description
1 polymer 'SKD1 protein'
2 non-polymer 'SULFATE ION'
3 water water
#
_entity_poly.entity_id   1
_entity_poly.type   'polypeptide(L)'
_entity_poly.pdbx_seq_one_letter_code
;AIVIERPNVKWSDVAGLEGAKEALKEAVILPIKFPHLFTGKRTPWRGILLFGPPGTGKSYLAKAVATEANNSTFFSISSS
DLVSKWLGESEKLVKNLFQLARENKPSIIFIDEIDSLCGSRSENESEAARRIKTEFLVQMQGVGVDNDGILVLGATNIPW
VLDSAIRRRFEKRIYIPLPEPHARAAMFKLHLGTTQNSLTEADFRELGRKTDGYSGADISIIVRDALMQPVRKVQSATHF
KKVRGPSRADPNHLVDDLLTPCSPGDPGAIEMTWMDVPGDKLLEPVVSMSDMLRSLSNTKPTVNEHDLLKLKKFTEDFGQ
EG
;
_entity_poly.pdbx_strand_id   A
#
loop_
_chem_comp.id
_chem_comp.type
_chem_comp.name
_chem_comp.formula
SO4 non-polymer 'SULFATE ION' 'O4 S -2'
#
# COMPACT_ATOMS: atom_id res chain seq x y z
N ALA A 1 -9.73 9.79 16.07
CA ALA A 1 -10.09 11.02 15.26
C ALA A 1 -9.12 11.32 14.06
N ILE A 2 -7.82 11.55 14.39
CA ILE A 2 -6.72 11.97 13.48
C ILE A 2 -5.46 11.13 13.79
N VAL A 3 -4.84 10.51 12.79
CA VAL A 3 -3.74 9.56 13.10
C VAL A 3 -2.37 10.24 13.20
N ILE A 4 -1.60 9.94 14.26
CA ILE A 4 -0.27 10.55 14.50
C ILE A 4 0.82 9.45 14.50
N GLU A 5 1.88 9.58 13.71
CA GLU A 5 2.96 8.60 13.62
C GLU A 5 4.34 9.21 13.64
N ARG A 6 5.33 8.41 13.95
CA ARG A 6 6.72 8.81 13.77
C ARG A 6 7.33 7.64 13.01
N PRO A 7 7.10 7.59 11.70
CA PRO A 7 7.43 6.40 10.93
C PRO A 7 8.91 6.12 10.93
N ASN A 8 9.27 4.85 10.89
CA ASN A 8 10.66 4.61 10.61
C ASN A 8 10.94 3.83 9.34
N VAL A 9 10.14 4.12 8.31
CA VAL A 9 10.26 3.52 6.97
C VAL A 9 11.38 4.14 6.10
N LYS A 10 12.40 3.36 5.71
CA LYS A 10 13.51 3.87 4.89
C LYS A 10 13.23 3.77 3.38
N TRP A 11 13.85 4.60 2.55
CA TRP A 11 13.64 4.48 1.09
C TRP A 11 13.69 3.03 0.61
N SER A 12 14.71 2.32 1.05
CA SER A 12 14.91 1.00 0.55
C SER A 12 13.92 -0.02 1.12
N ASP A 13 13.06 0.35 2.08
CA ASP A 13 11.97 -0.55 2.46
C ASP A 13 10.77 -0.32 1.58
N VAL A 14 10.93 0.30 0.42
CA VAL A 14 9.81 0.52 -0.48
C VAL A 14 10.26 -0.12 -1.76
N ALA A 15 9.60 -1.20 -2.13
CA ALA A 15 10.09 -2.01 -3.23
C ALA A 15 9.91 -1.26 -4.57
N GLY A 16 10.97 -1.12 -5.36
CA GLY A 16 10.85 -0.47 -6.65
C GLY A 16 10.55 1.01 -6.45
N LEU A 17 9.90 1.64 -7.43
CA LEU A 17 9.63 3.09 -7.42
C LEU A 17 10.92 3.93 -7.44
N GLU A 18 11.95 3.40 -8.09
CA GLU A 18 13.20 4.16 -8.23
C GLU A 18 12.98 5.58 -8.80
N GLY A 19 12.06 5.72 -9.75
CA GLY A 19 11.90 6.97 -10.43
C GLY A 19 11.20 7.98 -9.56
N ALA A 20 10.21 7.48 -8.83
CA ALA A 20 9.41 8.27 -7.94
C ALA A 20 10.17 8.70 -6.67
N LYS A 21 11.03 7.83 -6.16
CA LYS A 21 11.88 8.21 -5.06
C LYS A 21 12.83 9.31 -5.47
N GLU A 22 13.33 9.25 -6.70
CA GLU A 22 14.17 10.35 -7.17
C GLU A 22 13.42 11.68 -7.22
N ALA A 23 12.19 11.63 -7.73
CA ALA A 23 11.39 12.81 -7.86
C ALA A 23 11.08 13.36 -6.46
N LEU A 24 10.80 12.48 -5.48
CA LEU A 24 10.51 12.94 -4.12
C LEU A 24 11.71 13.53 -3.38
N LYS A 25 12.87 12.91 -3.57
CA LYS A 25 14.07 13.41 -2.98
C LYS A 25 14.28 14.83 -3.43
N GLU A 26 14.01 15.07 -4.70
CA GLU A 26 14.21 16.38 -5.33
C GLU A 26 13.10 17.36 -4.97
N ALA A 27 11.88 16.89 -4.79
CA ALA A 27 10.80 17.80 -4.46
C ALA A 27 10.85 18.14 -2.99
N VAL A 28 11.37 17.24 -2.18
CA VAL A 28 11.19 17.37 -0.76
C VAL A 28 12.52 17.46 0.01
N ILE A 29 13.48 16.55 -0.26
CA ILE A 29 14.70 16.58 0.52
C ILE A 29 15.63 17.73 0.13
N LEU A 30 15.73 17.99 -1.15
CA LEU A 30 16.69 18.99 -1.60
C LEU A 30 16.39 20.35 -0.96
N PRO A 31 15.15 20.83 -0.96
CA PRO A 31 14.88 22.13 -0.34
C PRO A 31 15.18 22.11 1.16
N ILE A 32 15.04 20.96 1.79
CA ILE A 32 15.30 20.87 3.20
C ILE A 32 16.78 20.92 3.39
N LYS A 33 17.55 20.17 2.60
CA LYS A 33 19.02 20.16 2.75
C LYS A 33 19.67 21.49 2.45
N PHE A 34 19.13 22.20 1.47
CA PHE A 34 19.63 23.47 1.03
C PHE A 34 18.57 24.57 1.01
N PRO A 35 18.01 24.96 2.12
CA PRO A 35 16.97 25.97 2.08
C PRO A 35 17.43 27.30 1.48
N HIS A 36 18.74 27.59 1.43
CA HIS A 36 19.18 28.86 0.80
C HIS A 36 18.92 28.91 -0.71
N LEU A 37 18.69 27.75 -1.34
CA LEU A 37 18.40 27.72 -2.78
C LEU A 37 17.03 28.24 -3.04
N PHE A 38 16.21 28.32 -1.98
CA PHE A 38 14.78 28.65 -2.10
C PHE A 38 14.31 29.82 -1.30
N THR A 39 14.85 30.99 -1.53
CA THR A 39 14.46 32.21 -0.81
C THR A 39 13.92 33.22 -1.81
N GLY A 40 13.66 34.46 -1.36
CA GLY A 40 13.26 35.55 -2.27
C GLY A 40 12.11 35.10 -3.16
N LYS A 41 12.31 35.19 -4.47
CA LYS A 41 11.32 34.71 -5.46
C LYS A 41 11.09 33.15 -5.55
N ARG A 42 12.08 32.35 -5.14
CA ARG A 42 11.85 30.91 -4.99
C ARG A 42 11.21 30.52 -3.65
N THR A 43 10.49 29.40 -3.62
CA THR A 43 10.01 28.77 -2.35
C THR A 43 9.89 27.28 -2.57
N PRO A 44 10.06 26.48 -1.52
CA PRO A 44 9.82 25.03 -1.66
C PRO A 44 8.40 24.83 -2.16
N TRP A 45 8.02 23.59 -2.37
CA TRP A 45 6.70 23.24 -2.81
C TRP A 45 5.94 22.75 -1.59
N ARG A 46 4.91 23.48 -1.19
CA ARG A 46 4.12 23.10 -0.03
C ARG A 46 3.29 21.86 -0.26
N GLY A 47 2.85 21.66 -1.50
CA GLY A 47 1.90 20.61 -1.81
C GLY A 47 2.39 19.66 -2.86
N ILE A 48 2.37 18.38 -2.55
CA ILE A 48 2.81 17.36 -3.49
C ILE A 48 1.71 16.35 -3.66
N LEU A 49 1.29 16.18 -4.92
CA LEU A 49 0.29 15.19 -5.33
C LEU A 49 0.93 13.87 -5.80
N LEU A 50 0.70 12.82 -5.02
CA LEU A 50 1.04 11.44 -5.42
C LEU A 50 -0.11 10.82 -6.17
N PHE A 51 0.07 10.53 -7.47
CA PHE A 51 -1.06 9.98 -8.26
C PHE A 51 -0.70 8.75 -9.13
N GLY A 52 -1.69 7.91 -9.40
CA GLY A 52 -1.50 6.72 -10.22
C GLY A 52 -2.58 5.68 -9.92
N PRO A 53 -2.47 4.51 -10.54
CA PRO A 53 -3.48 3.45 -10.37
C PRO A 53 -3.44 2.90 -8.95
N PRO A 54 -4.55 2.33 -8.47
CA PRO A 54 -4.64 1.84 -7.04
C PRO A 54 -3.67 0.73 -6.70
N GLY A 55 -3.51 0.47 -5.41
CA GLY A 55 -2.79 -0.72 -4.96
C GLY A 55 -1.28 -0.67 -4.97
N THR A 56 -0.71 0.51 -5.18
CA THR A 56 0.72 0.70 -5.14
C THR A 56 1.22 1.14 -3.76
N GLY A 57 0.35 1.30 -2.78
CA GLY A 57 0.83 1.72 -1.45
C GLY A 57 1.45 3.12 -1.38
N LYS A 58 0.69 4.11 -1.84
CA LYS A 58 1.13 5.51 -1.86
C LYS A 58 1.45 5.98 -0.45
N SER A 59 0.57 5.62 0.48
CA SER A 59 0.79 6.00 1.86
C SER A 59 2.13 5.47 2.34
N TYR A 60 2.42 4.22 2.03
CA TYR A 60 3.65 3.64 2.54
C TYR A 60 4.87 4.43 2.08
N LEU A 61 4.88 4.76 0.81
CA LEU A 61 5.86 5.67 0.27
C LEU A 61 5.88 7.03 1.02
N ALA A 62 4.70 7.59 1.29
CA ALA A 62 4.63 8.87 2.00
C ALA A 62 5.35 8.81 3.34
N LYS A 63 5.16 7.71 4.09
CA LYS A 63 5.89 7.52 5.31
C LYS A 63 7.41 7.50 5.06
N ALA A 64 7.87 6.88 3.97
CA ALA A 64 9.31 7.00 3.64
C ALA A 64 9.76 8.46 3.55
N VAL A 65 8.92 9.28 2.91
CA VAL A 65 9.26 10.69 2.75
C VAL A 65 9.34 11.32 4.13
N ALA A 66 8.29 11.10 4.93
CA ALA A 66 8.29 11.57 6.31
C ALA A 66 9.62 11.21 7.01
N THR A 67 10.02 9.95 6.88
CA THR A 67 11.18 9.50 7.61
C THR A 67 12.49 10.19 7.21
N GLU A 68 12.64 10.44 5.92
CA GLU A 68 13.88 10.97 5.39
C GLU A 68 13.85 12.50 5.42
N ALA A 69 12.65 13.07 5.48
CA ALA A 69 12.51 14.50 5.74
C ALA A 69 12.76 14.80 7.24
N ASN A 70 13.95 14.45 7.74
CA ASN A 70 14.37 14.79 9.10
C ASN A 70 13.48 14.19 10.21
N ASN A 71 13.09 12.94 9.99
CA ASN A 71 12.15 12.26 10.87
C ASN A 71 10.92 13.10 11.22
N SER A 72 10.24 13.59 10.18
CA SER A 72 9.10 14.43 10.39
C SER A 72 8.02 13.57 10.96
N THR A 73 7.04 14.21 11.57
CA THR A 73 5.90 13.53 12.14
C THR A 73 4.85 13.39 11.10
N PHE A 74 4.17 12.27 11.10
CA PHE A 74 3.30 11.94 10.00
C PHE A 74 1.86 12.02 10.45
N PHE A 75 1.07 12.88 9.84
CA PHE A 75 -0.31 13.00 10.27
C PHE A 75 -1.27 12.69 9.14
N SER A 76 -2.36 11.97 9.43
CA SER A 76 -3.36 11.68 8.40
C SER A 76 -4.79 11.52 8.92
N ILE A 77 -5.72 11.53 7.97
CA ILE A 77 -7.18 11.50 8.15
C ILE A 77 -7.79 10.66 7.02
N SER A 78 -8.67 9.96 6.83
CA SER A 78 -8.73 9.46 5.42
C SER A 78 -10.07 9.90 4.75
N SER A 79 -10.06 10.55 3.59
CA SER A 79 -11.30 11.20 3.09
C SER A 79 -12.70 10.40 3.04
N SER A 80 -12.81 9.04 2.86
CA SER A 80 -14.10 8.18 2.96
C SER A 80 -14.86 7.72 1.67
N ASP A 81 -15.16 6.39 1.50
CA ASP A 81 -15.73 5.75 0.22
C ASP A 81 -17.14 5.19 0.39
N LEU A 82 -17.19 3.88 0.52
CA LEU A 82 -18.45 3.25 0.88
C LEU A 82 -19.16 3.84 2.26
N VAL A 83 -18.60 4.39 3.46
CA VAL A 83 -19.44 4.67 4.77
C VAL A 83 -20.27 5.96 4.85
N SER A 84 -21.56 5.75 5.05
CA SER A 84 -22.52 6.81 5.20
C SER A 84 -22.63 7.19 6.67
N LYS A 85 -22.82 6.24 7.55
CA LYS A 85 -22.96 6.62 8.92
C LYS A 85 -21.65 7.18 9.34
N TRP A 86 -21.64 8.48 9.38
CA TRP A 86 -20.32 8.97 9.56
C TRP A 86 -20.00 10.37 9.83
N LEU A 87 -18.90 10.76 9.26
CA LEU A 87 -18.48 12.05 9.68
C LEU A 87 -18.76 13.19 8.74
N GLY A 88 -20.01 13.57 9.08
CA GLY A 88 -20.93 14.57 8.55
C GLY A 88 -20.22 15.93 8.53
N GLU A 89 -20.71 16.95 9.26
CA GLU A 89 -19.95 18.20 9.32
C GLU A 89 -18.71 17.78 10.03
N SER A 90 -17.75 18.28 10.36
CA SER A 90 -16.62 17.69 9.64
C SER A 90 -15.43 18.65 9.41
N GLU A 91 -15.73 19.95 9.31
CA GLU A 91 -14.77 21.04 8.96
C GLU A 91 -13.60 21.34 9.93
N LYS A 92 -13.88 21.34 11.23
CA LYS A 92 -12.89 21.68 12.27
C LYS A 92 -11.79 20.62 12.33
N LEU A 93 -12.03 19.49 11.68
CA LEU A 93 -11.03 18.45 11.58
C LEU A 93 -9.86 18.89 10.69
N VAL A 94 -10.16 19.47 9.54
CA VAL A 94 -9.13 20.05 8.69
C VAL A 94 -8.33 21.07 9.49
N LYS A 95 -9.03 21.95 10.21
CA LYS A 95 -8.37 22.97 11.00
C LYS A 95 -7.47 22.36 12.05
N ASN A 96 -7.94 21.31 12.72
CA ASN A 96 -7.15 20.71 13.79
C ASN A 96 -5.97 19.96 13.28
N LEU A 97 -6.13 19.40 12.09
CA LEU A 97 -5.06 18.71 11.41
C LEU A 97 -3.91 19.66 11.12
N PHE A 98 -4.17 20.80 10.49
CA PHE A 98 -3.11 21.74 10.16
C PHE A 98 -2.47 22.44 11.37
N GLN A 99 -3.24 22.55 12.44
CA GLN A 99 -2.76 23.18 13.64
C GLN A 99 -1.78 22.27 14.33
N LEU A 100 -2.12 20.99 14.44
CA LEU A 100 -1.28 20.00 15.07
C LEU A 100 0.01 19.83 14.34
N ALA A 101 -0.05 20.05 13.02
CA ALA A 101 1.13 19.95 12.19
C ALA A 101 2.02 21.14 12.46
N ARG A 102 1.41 22.32 12.49
CA ARG A 102 2.14 23.52 12.81
C ARG A 102 2.85 23.41 14.14
N GLU A 103 2.21 22.79 15.13
CA GLU A 103 2.82 22.60 16.45
C GLU A 103 3.87 21.52 16.52
N ASN A 104 3.92 20.63 15.54
CA ASN A 104 4.89 19.52 15.59
C ASN A 104 5.84 19.46 14.38
N LYS A 105 6.43 20.60 14.04
CA LYS A 105 7.40 20.66 12.96
C LYS A 105 8.65 19.87 13.34
N PRO A 106 9.32 19.26 12.36
CA PRO A 106 8.85 19.25 10.95
C PRO A 106 7.71 18.25 10.81
N SER A 107 6.72 18.53 9.97
CA SER A 107 5.72 17.50 9.81
C SER A 107 5.16 17.37 8.41
N ILE A 108 4.56 16.22 8.15
CA ILE A 108 3.96 15.93 6.88
C ILE A 108 2.49 15.64 7.14
N ILE A 109 1.63 16.30 6.37
CA ILE A 109 0.21 15.93 6.31
C ILE A 109 -0.04 15.06 5.08
N PHE A 110 -0.71 13.93 5.32
CA PHE A 110 -1.07 13.00 4.27
C PHE A 110 -2.58 12.88 4.14
N ILE A 111 -3.05 13.17 2.95
CA ILE A 111 -4.46 13.03 2.72
C ILE A 111 -4.70 12.01 1.64
N ASP A 112 -5.21 10.85 2.06
CA ASP A 112 -5.58 9.78 1.14
C ASP A 112 -6.83 10.10 0.37
N GLU A 113 -6.96 9.52 -0.81
CA GLU A 113 -8.17 9.67 -1.58
C GLU A 113 -8.56 11.15 -1.57
N ILE A 114 -7.58 12.03 -1.76
CA ILE A 114 -7.85 13.45 -1.66
C ILE A 114 -8.96 13.87 -2.63
N ASP A 115 -9.21 13.06 -3.65
CA ASP A 115 -10.31 13.27 -4.59
C ASP A 115 -11.70 13.28 -3.94
N SER A 116 -11.85 12.58 -2.82
CA SER A 116 -13.17 12.37 -2.27
C SER A 116 -13.40 13.45 -1.24
N LEU A 117 -12.70 14.44 -1.46
CA LEU A 117 -12.97 15.76 -0.95
C LEU A 117 -13.79 16.53 -2.04
N CYS A 118 -13.41 16.46 -3.36
CA CYS A 118 -14.19 17.15 -4.45
C CYS A 118 -15.65 16.89 -4.15
N GLY A 119 -15.76 16.11 -3.04
CA GLY A 119 -16.96 15.65 -2.41
C GLY A 119 -17.53 14.40 -3.04
N SER A 120 -18.04 14.58 -4.22
CA SER A 120 -18.74 13.50 -4.87
C SER A 120 -18.82 13.67 -6.32
N ARG A 121 -18.96 12.51 -6.89
CA ARG A 121 -19.19 12.47 -8.29
C ARG A 121 -20.68 12.26 -8.46
N SER A 122 -21.29 13.21 -9.06
CA SER A 122 -22.74 13.24 -9.45
C SER A 122 -23.70 13.10 -8.18
N GLU A 123 -23.32 13.87 -7.12
CA GLU A 123 -23.99 14.01 -5.81
C GLU A 123 -24.15 15.58 -5.51
N ASN A 124 -24.13 16.19 -4.34
CA ASN A 124 -24.27 17.67 -4.31
C ASN A 124 -23.06 18.18 -3.70
N GLU A 125 -23.17 18.21 -2.41
CA GLU A 125 -21.92 18.52 -1.90
C GLU A 125 -21.80 19.97 -1.61
N SER A 126 -21.82 19.59 -1.42
CA SER A 126 -22.22 20.93 -1.83
C SER A 126 -22.58 21.87 -0.64
N GLU A 127 -22.87 21.29 0.51
CA GLU A 127 -23.07 22.03 1.77
C GLU A 127 -21.74 22.38 2.47
N ALA A 128 -21.32 21.48 3.36
CA ALA A 128 -20.04 21.52 4.06
C ALA A 128 -18.90 21.21 3.09
N ALA A 129 -19.25 20.58 1.96
CA ALA A 129 -18.28 20.36 0.88
C ALA A 129 -17.63 21.69 0.50
N ARG A 130 -18.44 22.74 0.39
CA ARG A 130 -18.01 24.14 0.21
C ARG A 130 -17.19 24.63 1.43
N ARG A 131 -17.76 24.51 2.63
CA ARG A 131 -17.08 24.93 3.88
C ARG A 131 -15.68 24.29 4.01
N ILE A 132 -15.58 22.99 3.68
CA ILE A 132 -14.31 22.24 3.74
C ILE A 132 -13.32 22.72 2.70
N LYS A 133 -13.73 22.70 1.43
CA LYS A 133 -12.89 23.15 0.32
C LYS A 133 -12.16 24.45 0.68
N THR A 134 -12.90 25.48 1.07
CA THR A 134 -12.25 26.76 1.43
C THR A 134 -11.33 26.60 2.64
N GLU A 135 -11.75 25.82 3.64
CA GLU A 135 -10.90 25.58 4.81
C GLU A 135 -9.51 25.07 4.41
N PHE A 136 -9.51 23.92 3.73
CA PHE A 136 -8.30 23.37 3.16
C PHE A 136 -7.48 24.40 2.39
N LEU A 137 -8.14 25.07 1.47
CA LEU A 137 -7.48 26.05 0.66
C LEU A 137 -6.87 27.14 1.52
N VAL A 138 -7.58 27.49 2.62
CA VAL A 138 -7.13 28.53 3.55
C VAL A 138 -5.82 28.11 4.23
N GLN A 139 -5.71 26.84 4.63
CA GLN A 139 -4.49 26.38 5.30
C GLN A 139 -3.35 26.20 4.35
N MET A 140 -3.66 25.88 3.10
CA MET A 140 -2.61 25.72 2.10
C MET A 140 -1.95 27.06 1.79
N GLN A 141 -2.79 28.07 1.61
CA GLN A 141 -2.33 29.42 1.30
C GLN A 141 -1.53 30.07 2.47
N GLY A 142 -2.02 29.94 3.72
CA GLY A 142 -1.36 30.55 4.90
C GLY A 142 -2.05 31.82 5.41
N VAL A 143 -2.53 31.78 6.66
CA VAL A 143 -3.16 32.96 7.31
C VAL A 143 -2.09 34.02 7.65
N GLY A 144 -1.51 33.92 8.85
CA GLY A 144 -0.34 34.72 9.28
C GLY A 144 0.68 33.70 9.81
N VAL A 145 0.16 32.54 10.18
CA VAL A 145 0.92 31.29 10.35
C VAL A 145 1.49 30.82 9.01
N ASP A 146 2.81 30.83 8.93
CA ASP A 146 3.47 30.25 7.80
C ASP A 146 3.48 28.74 7.98
N ASN A 147 3.57 28.04 6.85
CA ASN A 147 3.60 26.62 6.85
C ASN A 147 4.96 26.14 6.42
N ASP A 148 5.96 26.99 6.66
CA ASP A 148 7.34 26.61 6.59
C ASP A 148 7.53 25.50 7.61
N GLY A 149 7.84 24.29 7.14
CA GLY A 149 8.13 23.11 7.98
C GLY A 149 6.99 22.10 8.01
N ILE A 150 6.05 22.32 7.10
CA ILE A 150 4.88 21.48 6.93
C ILE A 150 4.87 21.15 5.48
N LEU A 151 4.62 19.89 5.17
CA LEU A 151 4.42 19.48 3.82
C LEU A 151 3.10 18.82 3.72
N VAL A 152 2.42 19.03 2.60
CA VAL A 152 1.18 18.33 2.33
C VAL A 152 1.38 17.38 1.15
N LEU A 153 1.18 16.08 1.43
CA LEU A 153 1.19 15.05 0.40
C LEU A 153 -0.21 14.46 0.26
N GLY A 154 -0.84 14.73 -0.88
CA GLY A 154 -2.15 14.19 -1.21
C GLY A 154 -2.03 13.04 -2.20
N ALA A 155 -2.86 12.05 -2.00
CA ALA A 155 -2.80 10.83 -2.76
C ALA A 155 -4.14 10.62 -3.45
N THR A 156 -4.10 10.29 -4.74
CA THR A 156 -5.30 9.99 -5.49
C THR A 156 -5.05 9.04 -6.64
N ASN A 157 -6.06 8.22 -6.91
CA ASN A 157 -6.06 7.21 -7.95
C ASN A 157 -6.76 7.73 -9.20
N ILE A 158 -7.49 8.84 -8.99
CA ILE A 158 -8.40 9.43 -9.98
C ILE A 158 -8.28 10.98 -10.03
N PRO A 159 -7.09 11.45 -10.41
CA PRO A 159 -6.75 12.84 -10.34
C PRO A 159 -7.65 13.72 -11.18
N TRP A 160 -8.41 13.16 -12.11
CA TRP A 160 -9.26 13.98 -12.97
C TRP A 160 -10.51 14.43 -12.23
N VAL A 161 -11.05 13.60 -11.33
CA VAL A 161 -12.13 14.05 -10.42
C VAL A 161 -11.74 15.33 -9.64
N LEU A 162 -10.45 15.50 -9.37
CA LEU A 162 -9.98 16.54 -8.46
C LEU A 162 -10.41 17.92 -8.92
N ASP A 163 -11.05 18.63 -8.00
CA ASP A 163 -11.52 19.99 -8.28
C ASP A 163 -10.38 20.93 -8.61
N SER A 164 -10.50 21.61 -9.74
CA SER A 164 -9.44 22.46 -10.23
C SER A 164 -8.73 23.31 -9.14
N ALA A 165 -9.50 23.85 -8.22
CA ALA A 165 -8.95 24.70 -7.14
C ALA A 165 -7.99 23.94 -6.17
N ILE A 166 -8.39 22.74 -5.75
CA ILE A 166 -7.49 21.82 -5.06
C ILE A 166 -6.21 21.56 -5.86
N ARG A 167 -6.39 21.04 -7.08
CA ARG A 167 -5.25 20.74 -7.94
C ARG A 167 -4.15 21.81 -7.97
N ARG A 168 -4.55 23.04 -8.29
CA ARG A 168 -3.59 24.10 -8.46
C ARG A 168 -2.73 24.30 -7.22
N ARG A 169 -3.27 24.04 -6.03
CA ARG A 169 -2.45 24.07 -4.80
C ARG A 169 -1.38 22.98 -4.73
N PHE A 170 -1.40 22.04 -5.67
CA PHE A 170 -0.39 21.01 -5.71
C PHE A 170 0.62 21.29 -6.82
N GLU A 171 1.73 21.91 -6.42
CA GLU A 171 2.74 22.42 -7.36
C GLU A 171 3.64 21.29 -7.97
N LYS A 172 3.85 20.22 -7.20
CA LYS A 172 4.55 19.04 -7.68
C LYS A 172 3.60 17.84 -7.85
N ARG A 173 3.57 17.26 -9.04
CA ARG A 173 2.69 16.11 -9.28
C ARG A 173 3.46 14.91 -9.79
N ILE A 174 3.56 13.87 -8.94
CA ILE A 174 4.43 12.71 -9.17
C ILE A 174 3.62 11.45 -9.39
N TYR A 175 3.81 10.88 -10.57
CA TYR A 175 3.14 9.64 -10.99
C TYR A 175 3.79 8.45 -10.29
N ILE A 176 2.97 7.57 -9.74
CA ILE A 176 3.43 6.30 -9.11
C ILE A 176 2.95 5.07 -9.91
N PRO A 177 3.83 4.42 -10.67
CA PRO A 177 3.38 3.35 -11.60
C PRO A 177 3.19 2.06 -10.89
N LEU A 178 2.38 1.17 -11.47
CA LEU A 178 2.48 -0.26 -11.17
C LEU A 178 3.94 -0.72 -11.16
N PRO A 179 4.22 -1.79 -10.43
CA PRO A 179 5.56 -2.23 -10.22
C PRO A 179 6.16 -3.04 -11.37
N GLU A 180 7.48 -2.95 -11.45
CA GLU A 180 8.30 -3.67 -12.44
C GLU A 180 8.63 -5.07 -11.93
N PRO A 181 9.05 -5.93 -12.86
CA PRO A 181 9.14 -7.37 -12.55
C PRO A 181 10.02 -7.65 -11.33
N HIS A 182 11.23 -7.14 -11.29
CA HIS A 182 12.06 -7.38 -10.09
C HIS A 182 11.38 -6.95 -8.77
N ALA A 183 10.72 -5.80 -8.82
CA ALA A 183 10.02 -5.28 -7.65
C ALA A 183 8.87 -6.22 -7.26
N ARG A 184 8.21 -6.83 -8.24
CA ARG A 184 7.12 -7.80 -7.94
C ARG A 184 7.67 -9.05 -7.34
N ALA A 185 8.82 -9.50 -7.87
CA ALA A 185 9.48 -10.66 -7.29
C ALA A 185 9.76 -10.39 -5.76
N ALA A 186 10.19 -9.17 -5.45
CA ALA A 186 10.54 -8.78 -4.12
C ALA A 186 9.29 -8.73 -3.24
N MET A 187 8.18 -8.20 -3.75
CA MET A 187 6.93 -8.15 -3.00
C MET A 187 6.38 -9.56 -2.69
N PHE A 188 6.48 -10.50 -3.61
CA PHE A 188 6.05 -11.89 -3.31
C PHE A 188 6.81 -12.45 -2.08
N LYS A 189 8.14 -12.42 -2.16
CA LYS A 189 9.06 -12.88 -1.11
C LYS A 189 8.73 -12.24 0.22
N LEU A 190 8.62 -10.91 0.22
CA LEU A 190 8.11 -10.14 1.33
C LEU A 190 6.80 -10.76 1.81
N HIS A 191 5.65 -10.39 1.23
CA HIS A 191 4.32 -10.92 1.66
C HIS A 191 4.27 -12.35 2.16
N LEU A 192 5.12 -13.24 1.63
CA LEU A 192 5.17 -14.60 2.13
C LEU A 192 5.73 -14.59 3.54
N GLY A 193 6.78 -13.79 3.72
CA GLY A 193 7.35 -13.61 5.06
C GLY A 193 8.13 -14.84 5.52
N THR A 194 7.88 -15.25 6.75
CA THR A 194 8.51 -16.47 7.21
C THR A 194 7.52 -17.63 7.29
N THR A 195 6.49 -17.59 6.47
CA THR A 195 5.60 -18.72 6.27
C THR A 195 6.42 -19.81 5.60
N GLN A 196 6.44 -20.99 6.20
CA GLN A 196 7.22 -22.11 5.68
C GLN A 196 6.85 -22.44 4.27
N ASN A 197 7.82 -22.55 3.40
CA ASN A 197 7.41 -22.88 2.06
C ASN A 197 8.57 -23.51 1.37
N SER A 198 8.37 -23.93 0.13
CA SER A 198 9.40 -24.60 -0.67
C SER A 198 9.59 -23.92 -2.03
N LEU A 199 9.56 -22.60 -2.07
CA LEU A 199 9.80 -21.90 -3.31
C LEU A 199 11.28 -21.65 -3.39
N THR A 200 11.83 -21.88 -4.57
CA THR A 200 13.23 -21.58 -4.82
C THR A 200 13.30 -20.10 -5.22
N GLU A 201 14.50 -19.52 -5.31
CA GLU A 201 14.65 -18.13 -5.73
C GLU A 201 14.19 -17.98 -7.19
N ALA A 202 14.36 -19.04 -7.98
CA ALA A 202 13.85 -19.11 -9.34
C ALA A 202 12.33 -18.99 -9.37
N ASP A 203 11.67 -19.67 -8.42
CA ASP A 203 10.23 -19.54 -8.30
C ASP A 203 9.77 -18.10 -8.13
N PHE A 204 10.44 -17.34 -7.26
CA PHE A 204 10.10 -15.93 -7.04
C PHE A 204 10.43 -15.10 -8.28
N ARG A 205 11.58 -15.35 -8.89
CA ARG A 205 11.91 -14.64 -10.13
C ARG A 205 10.75 -14.92 -11.10
N GLU A 206 10.29 -16.19 -11.13
CA GLU A 206 9.28 -16.62 -12.07
C GLU A 206 8.01 -15.93 -11.79
N LEU A 207 7.62 -15.89 -10.52
CA LEU A 207 6.40 -15.18 -10.15
C LEU A 207 6.51 -13.71 -10.56
N GLY A 208 7.69 -13.10 -10.44
CA GLY A 208 7.85 -11.76 -10.95
C GLY A 208 7.57 -11.70 -12.46
N ARG A 209 8.22 -12.56 -13.23
CA ARG A 209 8.16 -12.46 -14.66
C ARG A 209 6.74 -12.65 -15.14
N LYS A 210 5.91 -13.28 -14.33
CA LYS A 210 4.58 -13.64 -14.74
C LYS A 210 3.48 -12.65 -14.31
N THR A 211 3.82 -11.47 -13.80
CA THR A 211 2.75 -10.63 -13.22
C THR A 211 2.74 -9.19 -13.73
N ASP A 212 3.18 -9.03 -14.97
CA ASP A 212 3.01 -7.80 -15.70
C ASP A 212 1.66 -7.18 -15.38
N GLY A 213 1.71 -6.03 -14.74
CA GLY A 213 0.52 -5.24 -14.58
C GLY A 213 -0.23 -5.53 -13.31
N TYR A 214 0.28 -6.42 -12.47
CA TYR A 214 -0.29 -6.64 -11.16
C TYR A 214 0.23 -5.58 -10.23
N SER A 215 -0.64 -5.11 -9.35
CA SER A 215 -0.25 -4.15 -8.30
C SER A 215 0.25 -4.86 -7.04
N GLY A 216 0.92 -4.13 -6.17
CA GLY A 216 1.32 -4.69 -4.87
C GLY A 216 0.10 -5.15 -4.13
N ALA A 217 -0.96 -4.38 -4.17
CA ALA A 217 -2.24 -4.84 -3.57
C ALA A 217 -2.70 -6.21 -4.14
N ASP A 218 -2.69 -6.30 -5.49
CA ASP A 218 -2.97 -7.54 -6.24
C ASP A 218 -2.16 -8.73 -5.70
N ILE A 219 -0.87 -8.50 -5.47
CA ILE A 219 0.05 -9.57 -5.15
C ILE A 219 -0.29 -10.10 -3.79
N SER A 220 -0.70 -9.17 -2.93
CA SER A 220 -1.03 -9.51 -1.55
C SER A 220 -2.22 -10.45 -1.55
N ILE A 221 -3.27 -10.13 -2.29
CA ILE A 221 -4.39 -11.04 -2.42
C ILE A 221 -3.91 -12.45 -2.88
N ILE A 222 -3.05 -12.52 -3.88
CA ILE A 222 -2.60 -13.77 -4.37
C ILE A 222 -1.90 -14.56 -3.29
N VAL A 223 -1.02 -13.90 -2.55
CA VAL A 223 -0.32 -14.55 -1.48
C VAL A 223 -1.22 -15.01 -0.31
N ARG A 224 -2.17 -14.16 0.09
CA ARG A 224 -3.05 -14.50 1.25
C ARG A 224 -3.80 -15.75 0.92
N ASP A 225 -4.28 -15.80 -0.31
CA ASP A 225 -4.97 -16.95 -0.79
C ASP A 225 -4.07 -18.20 -0.77
N ALA A 226 -2.82 -18.07 -1.25
CA ALA A 226 -1.88 -19.19 -1.26
C ALA A 226 -1.60 -19.66 0.15
N LEU A 227 -1.51 -18.72 1.09
CA LEU A 227 -1.31 -19.06 2.49
C LEU A 227 -2.36 -19.99 3.07
N MET A 228 -3.55 -20.01 2.49
CA MET A 228 -4.62 -20.77 3.08
C MET A 228 -4.66 -22.23 2.58
N GLN A 229 -3.68 -22.62 1.79
CA GLN A 229 -3.72 -23.96 1.16
C GLN A 229 -3.39 -25.17 2.09
N PRO A 230 -2.34 -25.08 2.91
CA PRO A 230 -2.14 -26.13 3.92
C PRO A 230 -3.48 -26.40 4.62
N VAL A 231 -4.17 -25.37 5.11
CA VAL A 231 -5.41 -25.60 5.89
C VAL A 231 -6.53 -26.25 5.04
N ARG A 232 -6.70 -25.72 3.84
CA ARG A 232 -7.61 -26.28 2.90
C ARG A 232 -7.27 -27.73 2.61
N LYS A 233 -6.02 -28.01 2.28
CA LYS A 233 -5.66 -29.41 2.00
C LYS A 233 -5.93 -30.29 3.22
N VAL A 234 -5.59 -29.81 4.40
CA VAL A 234 -5.83 -30.59 5.62
C VAL A 234 -7.31 -30.84 5.88
N GLN A 235 -8.16 -29.85 5.66
CA GLN A 235 -9.57 -30.10 5.97
C GLN A 235 -10.32 -30.93 4.96
N SER A 236 -9.84 -31.03 3.73
CA SER A 236 -10.56 -31.89 2.79
C SER A 236 -9.83 -33.21 2.46
N ALA A 237 -8.69 -33.50 3.09
CA ALA A 237 -8.11 -34.82 2.92
C ALA A 237 -9.14 -35.91 3.31
N THR A 238 -9.22 -37.00 2.54
CA THR A 238 -10.04 -38.16 2.98
C THR A 238 -9.16 -39.28 3.52
N HIS A 239 -7.86 -39.14 3.28
CA HIS A 239 -6.87 -40.09 3.71
C HIS A 239 -5.61 -39.35 4.17
N PHE A 240 -4.89 -39.95 5.12
CA PHE A 240 -3.59 -39.50 5.60
C PHE A 240 -2.60 -40.67 5.57
N LYS A 241 -1.32 -40.36 5.49
CA LYS A 241 -0.26 -41.37 5.46
C LYS A 241 0.67 -41.19 6.68
N LYS A 242 0.95 -42.27 7.44
CA LYS A 242 1.97 -42.21 8.49
C LYS A 242 3.32 -41.95 7.90
N VAL A 243 3.99 -40.94 8.43
CA VAL A 243 5.33 -40.63 7.99
C VAL A 243 6.00 -40.07 9.20
N ARG A 244 7.32 -39.98 9.09
CA ARG A 244 8.16 -39.47 10.10
C ARG A 244 8.69 -38.15 9.58
N GLY A 245 8.73 -37.12 10.43
CA GLY A 245 9.16 -35.79 10.00
C GLY A 245 9.41 -34.88 11.19
N PRO A 246 9.77 -33.63 10.94
CA PRO A 246 10.39 -32.83 11.99
C PRO A 246 9.40 -32.36 13.02
N SER A 247 9.80 -32.38 14.29
CA SER A 247 9.04 -31.79 15.39
C SER A 247 8.69 -30.33 15.11
N ARG A 248 7.53 -29.88 15.60
CA ARG A 248 7.20 -28.47 15.41
C ARG A 248 8.07 -27.70 16.38
N ALA A 249 8.57 -28.38 17.40
CA ALA A 249 9.17 -27.72 18.55
C ALA A 249 10.66 -27.45 18.33
N ASP A 250 11.29 -28.43 17.70
CA ASP A 250 12.72 -28.57 17.63
C ASP A 250 13.01 -29.37 16.38
N PRO A 251 13.51 -28.71 15.34
CA PRO A 251 13.74 -29.38 14.06
C PRO A 251 14.97 -30.31 14.17
N ASN A 252 15.69 -30.24 15.30
CA ASN A 252 16.68 -31.28 15.62
C ASN A 252 16.04 -32.63 15.91
N HIS A 253 14.77 -32.64 16.28
CA HIS A 253 14.13 -33.86 16.69
C HIS A 253 13.11 -34.36 15.66
N LEU A 254 13.26 -35.61 15.21
CA LEU A 254 12.31 -36.23 14.26
C LEU A 254 11.22 -37.04 15.03
N VAL A 255 9.94 -36.77 14.76
CA VAL A 255 8.83 -37.46 15.41
C VAL A 255 8.44 -38.57 14.46
N ASP A 256 7.95 -39.68 15.01
CA ASP A 256 8.00 -40.92 14.26
C ASP A 256 6.75 -41.39 13.53
N ASP A 257 5.63 -40.72 13.77
CA ASP A 257 4.37 -41.22 13.28
C ASP A 257 3.41 -40.05 13.15
N LEU A 258 3.88 -38.97 12.54
CA LEU A 258 3.04 -37.88 12.12
C LEU A 258 2.01 -38.38 11.09
N LEU A 259 0.94 -37.65 10.89
CA LEU A 259 0.02 -38.03 9.85
C LEU A 259 -0.14 -36.86 8.91
N THR A 260 -0.15 -37.16 7.61
CA THR A 260 -0.04 -36.15 6.56
C THR A 260 -1.08 -36.46 5.51
N PRO A 261 -1.75 -35.45 5.00
CA PRO A 261 -2.75 -35.68 3.95
C PRO A 261 -2.11 -36.41 2.74
N CYS A 262 -2.81 -37.36 2.13
CA CYS A 262 -2.37 -37.93 0.84
C CYS A 262 -3.53 -38.49 0.01
N SER A 263 -3.30 -38.62 -1.31
CA SER A 263 -4.33 -39.03 -2.30
C SER A 263 -4.82 -40.48 -2.10
N PRO A 264 -6.12 -40.73 -2.37
CA PRO A 264 -6.84 -41.92 -1.86
C PRO A 264 -6.10 -43.26 -1.86
N GLY A 265 -5.61 -43.70 -3.01
CA GLY A 265 -4.85 -44.94 -3.09
C GLY A 265 -3.37 -44.64 -3.16
N ASP A 266 -2.59 -45.18 -2.22
CA ASP A 266 -1.14 -44.96 -2.12
C ASP A 266 -0.52 -45.91 -1.14
N PRO A 267 0.79 -46.09 -1.26
CA PRO A 267 1.54 -46.85 -0.25
C PRO A 267 1.28 -46.23 1.14
N GLY A 268 0.43 -46.86 1.93
CA GLY A 268 0.25 -46.43 3.31
C GLY A 268 -0.88 -45.44 3.53
N ALA A 269 -1.64 -45.19 2.47
CA ALA A 269 -2.75 -44.27 2.53
C ALA A 269 -3.84 -44.79 3.46
N ILE A 270 -3.78 -44.47 4.76
CA ILE A 270 -4.90 -44.74 5.72
C ILE A 270 -6.07 -43.76 5.57
N GLU A 271 -7.31 -44.25 5.69
CA GLU A 271 -8.50 -43.44 5.47
C GLU A 271 -9.04 -42.86 6.77
N MET A 272 -9.13 -41.54 6.82
CA MET A 272 -9.51 -40.79 8.03
C MET A 272 -9.60 -39.34 7.64
N THR A 273 -10.30 -38.54 8.46
CA THR A 273 -10.26 -37.08 8.30
C THR A 273 -9.51 -36.36 9.45
N TRP A 274 -9.42 -35.04 9.35
CA TRP A 274 -8.68 -34.28 10.35
C TRP A 274 -9.28 -34.45 11.73
N MET A 275 -10.58 -34.75 11.79
CA MET A 275 -11.23 -35.01 13.09
C MET A 275 -10.66 -36.23 13.80
N ASP A 276 -9.93 -37.11 13.09
CA ASP A 276 -9.27 -38.29 13.68
C ASP A 276 -7.74 -38.15 13.79
N VAL A 277 -7.19 -37.03 13.33
CA VAL A 277 -5.77 -36.80 13.54
C VAL A 277 -5.54 -36.05 14.88
N PRO A 278 -4.78 -36.66 15.81
CA PRO A 278 -4.42 -36.01 17.09
C PRO A 278 -3.68 -34.68 16.88
N GLY A 279 -3.92 -33.73 17.78
CA GLY A 279 -3.30 -32.41 17.68
C GLY A 279 -1.81 -32.47 17.45
N ASP A 280 -1.14 -33.26 18.28
CA ASP A 280 0.30 -33.42 18.14
C ASP A 280 0.73 -34.27 16.93
N LYS A 281 -0.19 -34.73 16.07
CA LYS A 281 0.32 -35.58 14.98
C LYS A 281 0.28 -35.03 13.56
N LEU A 282 -0.56 -34.03 13.31
CA LEU A 282 -0.78 -33.42 11.99
C LEU A 282 0.51 -32.90 11.38
N LEU A 283 0.80 -33.31 10.16
CA LEU A 283 1.89 -32.72 9.38
C LEU A 283 1.30 -32.16 8.07
N GLU A 284 0.93 -30.88 8.09
CA GLU A 284 0.48 -30.17 6.90
C GLU A 284 1.63 -29.94 5.93
N PRO A 285 1.32 -29.96 4.64
CA PRO A 285 2.27 -29.60 3.60
C PRO A 285 2.65 -28.12 3.71
N VAL A 286 3.69 -27.70 3.03
CA VAL A 286 4.06 -26.31 3.17
C VAL A 286 3.57 -25.60 1.94
N VAL A 287 3.39 -24.30 2.02
CA VAL A 287 3.07 -23.50 0.85
C VAL A 287 4.01 -23.84 -0.31
N SER A 288 3.47 -24.11 -1.50
CA SER A 288 4.30 -24.53 -2.60
C SER A 288 4.22 -23.59 -3.79
N MET A 289 5.14 -23.72 -4.74
CA MET A 289 5.00 -22.94 -5.97
C MET A 289 3.71 -23.28 -6.67
N SER A 290 3.23 -24.51 -6.54
CA SER A 290 2.02 -24.70 -7.31
C SER A 290 0.86 -24.05 -6.58
N ASP A 291 0.87 -24.07 -5.25
CA ASP A 291 -0.01 -23.14 -4.54
C ASP A 291 0.04 -21.68 -5.11
N MET A 292 1.23 -21.08 -5.28
CA MET A 292 1.23 -19.65 -5.70
C MET A 292 0.62 -19.47 -7.07
N LEU A 293 1.06 -20.30 -8.03
CA LEU A 293 0.45 -20.36 -9.34
C LEU A 293 -1.06 -20.52 -9.39
N ARG A 294 -1.62 -21.34 -8.52
CA ARG A 294 -3.06 -21.52 -8.46
C ARG A 294 -3.80 -20.18 -8.10
N SER A 295 -3.34 -19.51 -7.04
CA SER A 295 -3.90 -18.23 -6.68
C SER A 295 -3.71 -17.30 -7.83
N LEU A 296 -2.51 -17.32 -8.44
CA LEU A 296 -2.25 -16.40 -9.53
C LEU A 296 -3.27 -16.60 -10.64
N SER A 297 -3.43 -17.86 -11.05
CA SER A 297 -4.36 -18.13 -12.09
C SER A 297 -5.78 -17.77 -11.66
N ASN A 298 -6.08 -17.72 -10.37
CA ASN A 298 -7.46 -17.34 -10.03
C ASN A 298 -7.67 -15.85 -9.79
N THR A 299 -6.66 -15.04 -10.08
CA THR A 299 -6.72 -13.62 -9.74
C THR A 299 -6.28 -12.78 -10.92
N LYS A 300 -7.14 -11.86 -11.33
CA LYS A 300 -6.82 -10.96 -12.41
C LYS A 300 -6.32 -9.65 -11.84
N PRO A 301 -5.46 -8.94 -12.55
CA PRO A 301 -5.01 -7.60 -12.11
C PRO A 301 -6.22 -6.64 -11.94
N THR A 302 -6.08 -5.66 -11.09
CA THR A 302 -7.19 -4.77 -10.84
C THR A 302 -7.26 -3.67 -11.85
N VAL A 303 -6.09 -3.24 -12.30
CA VAL A 303 -5.99 -2.11 -13.18
C VAL A 303 -5.92 -2.57 -14.62
N ASN A 304 -6.78 -2.02 -15.49
CA ASN A 304 -6.70 -2.33 -16.94
C ASN A 304 -6.17 -1.17 -17.81
N GLU A 305 -6.08 -1.42 -19.11
CA GLU A 305 -5.54 -0.47 -20.06
C GLU A 305 -6.30 0.86 -20.11
N HIS A 306 -7.63 0.79 -20.04
CA HIS A 306 -8.45 2.00 -20.06
C HIS A 306 -8.14 2.92 -18.87
N ASP A 307 -7.81 2.30 -17.74
CA ASP A 307 -7.43 3.05 -16.56
C ASP A 307 -6.12 3.78 -16.77
N LEU A 308 -5.13 3.04 -17.24
CA LEU A 308 -3.81 3.62 -17.34
C LEU A 308 -3.81 4.70 -18.41
N LEU A 309 -4.62 4.52 -19.46
CA LEU A 309 -4.75 5.57 -20.47
C LEU A 309 -5.41 6.81 -19.89
N LYS A 310 -6.53 6.64 -19.19
CA LYS A 310 -7.18 7.78 -18.51
C LYS A 310 -6.21 8.60 -17.63
N LEU A 311 -5.29 7.91 -16.95
CA LEU A 311 -4.20 8.55 -16.22
C LEU A 311 -3.16 9.24 -17.11
N LYS A 312 -2.85 8.70 -18.29
CA LYS A 312 -1.87 9.41 -19.11
C LYS A 312 -2.44 10.76 -19.50
N LYS A 313 -3.72 10.75 -19.87
CA LYS A 313 -4.49 11.93 -20.23
C LYS A 313 -4.28 13.06 -19.21
N PHE A 314 -4.55 12.78 -17.93
CA PHE A 314 -4.29 13.75 -16.87
C PHE A 314 -2.87 14.33 -16.83
N THR A 315 -1.85 13.47 -16.94
CA THR A 315 -0.41 13.88 -16.89
C THR A 315 -0.14 14.86 -17.99
N GLU A 316 -0.71 14.58 -19.17
CA GLU A 316 -0.63 15.44 -20.34
C GLU A 316 -1.43 16.72 -20.12
N ASP A 317 -2.75 16.63 -20.30
CA ASP A 317 -3.54 17.85 -20.32
C ASP A 317 -3.65 18.63 -18.98
N PHE A 318 -2.61 18.52 -18.14
CA PHE A 318 -2.43 19.41 -16.98
C PHE A 318 -0.97 19.65 -16.68
N GLY A 319 -0.16 18.58 -16.77
CA GLY A 319 1.26 18.63 -16.40
C GLY A 319 1.40 18.92 -14.92
N GLN A 320 2.48 19.61 -14.55
CA GLN A 320 2.65 20.20 -13.20
C GLN A 320 2.21 21.66 -13.26
N GLU A 321 1.53 22.13 -12.22
CA GLU A 321 0.95 23.48 -12.20
C GLU A 321 0.03 23.71 -13.41
N GLY A 322 -1.10 23.02 -13.47
CA GLY A 322 -2.00 23.10 -14.61
C GLY A 322 -3.41 23.23 -14.11
S SO4 B . -2.75 2.81 -2.77
O1 SO4 B . -3.91 2.88 -3.66
O2 SO4 B . -1.61 3.45 -3.45
O3 SO4 B . -3.02 3.59 -1.59
O4 SO4 B . -2.44 1.42 -2.33
S SO4 C . 15.39 -11.70 -14.89
O1 SO4 C . 15.65 -10.35 -15.31
O2 SO4 C . 15.96 -12.62 -15.87
O3 SO4 C . 13.95 -11.89 -14.74
O4 SO4 C . 15.99 -11.95 -13.58
#